data_4YKK
#
_entry.id   4YKK
#
_cell.length_a   45.951
_cell.length_b   123.753
_cell.length_c   54.505
_cell.angle_alpha   90.00
_cell.angle_beta   111.78
_cell.angle_gamma   90.00
#
_symmetry.space_group_name_H-M   'P 1 21 1'
#
loop_
_entity.id
_entity.type
_entity.pdbx_description
1 polymer 'ML032222a iGluR'
2 non-polymer 'MAGNESIUM ION'
3 non-polymer D-SERINE
4 non-polymer GLYCINE
5 water water
#
_entity_poly.entity_id   1
_entity_poly.type   'polypeptide(L)'
_entity_poly.pdbx_seq_one_letter_code
;GSKNLIGRHLRLGSVEEQPFMFFATEGCEGNDCWSGMVNDMVVKLSEDLGFTYEYIQPDDRKFGALNKTTNEWNGMIRDL
LDDKTDMIAIDLSTNSARKSAIDYSFPFMDAGIKAVVKGEGTTLNQVLELLDQDKYKWGVIGSRHPETLLKTHRDSRYSR
LVDEGVELKDLNHAIETLRGGLFVFIDEGPVLAHNLISDCDVFSVGEEFQSFEYAFGLPKDSPYKSLIDSHLLKFREEGF
IDILWEKWSSGNSVCS
;
_entity_poly.pdbx_strand_id   A,B
#
# COMPACT_ATOMS: atom_id res chain seq x y z
N ASN A 4 -9.64 23.67 2.52
CA ASN A 4 -10.28 23.37 1.24
C ASN A 4 -11.66 22.76 1.46
N LEU A 5 -11.81 22.05 2.59
CA LEU A 5 -13.06 21.36 2.92
C LEU A 5 -13.85 22.02 4.04
N ILE A 6 -13.32 23.11 4.59
CA ILE A 6 -13.99 23.77 5.71
C ILE A 6 -15.31 24.36 5.23
N GLY A 7 -16.42 23.91 5.83
CA GLY A 7 -17.73 24.40 5.44
C GLY A 7 -18.38 23.58 4.32
N ARG A 8 -17.61 22.74 3.65
CA ARG A 8 -18.14 21.97 2.52
C ARG A 8 -19.00 20.83 3.02
N HIS A 9 -19.86 20.33 2.13
CA HIS A 9 -20.69 19.17 2.42
C HIS A 9 -20.31 18.06 1.44
N LEU A 10 -19.99 16.89 1.96
CA LEU A 10 -19.62 15.75 1.12
C LEU A 10 -20.69 14.69 1.13
N ARG A 11 -21.07 14.26 -0.07
CA ARG A 11 -21.97 13.15 -0.24
C ARG A 11 -21.10 11.90 -0.39
N LEU A 12 -21.21 10.96 0.53
CA LEU A 12 -20.32 9.81 0.59
C LEU A 12 -21.03 8.53 0.22
N GLY A 13 -20.56 7.86 -0.83
CA GLY A 13 -21.11 6.57 -1.22
C GLY A 13 -20.65 5.51 -0.25
N SER A 14 -21.58 4.65 0.17
CA SER A 14 -21.22 3.56 1.04
C SER A 14 -22.31 2.52 1.04
N VAL A 15 -21.99 1.35 1.60
CA VAL A 15 -22.94 0.27 1.82
C VAL A 15 -22.47 -0.47 3.06
N GLU A 16 -23.31 -1.32 3.61
CA GLU A 16 -22.87 -2.18 4.69
C GLU A 16 -21.86 -3.20 4.20
N GLU A 17 -20.78 -3.34 4.95
CA GLU A 17 -19.74 -4.33 4.71
C GLU A 17 -18.98 -4.50 6.02
N GLN A 18 -19.42 -5.43 6.85
CA GLN A 18 -18.87 -5.53 8.19
C GLN A 18 -17.43 -6.01 8.08
N PRO A 19 -16.50 -5.46 8.88
CA PRO A 19 -16.63 -4.50 9.97
C PRO A 19 -16.31 -3.07 9.57
N PHE A 20 -16.21 -2.83 8.27
CA PHE A 20 -15.93 -1.52 7.75
C PHE A 20 -17.11 -0.59 7.93
N MET A 21 -18.30 -1.07 7.59
CA MET A 21 -19.53 -0.32 7.79
C MET A 21 -20.65 -1.25 8.20
N PHE A 22 -21.43 -0.78 9.16
CA PHE A 22 -22.67 -1.38 9.59
C PHE A 22 -23.75 -0.33 9.34
N PHE A 23 -24.86 -0.75 8.72
CA PHE A 23 -25.99 0.15 8.47
C PHE A 23 -27.22 -0.35 9.19
N ALA A 24 -27.71 0.45 10.13
CA ALA A 24 -28.94 0.14 10.82
C ALA A 24 -30.13 0.55 9.94
N THR A 25 -31.09 -0.35 9.79
CA THR A 25 -32.21 -0.13 8.87
C THR A 25 -33.43 0.46 9.57
N GLU A 26 -33.31 0.69 10.88
CA GLU A 26 -34.39 1.23 11.70
C GLU A 26 -33.76 1.72 13.00
N GLY A 27 -34.51 2.53 13.74
CA GLY A 27 -34.09 2.94 15.07
C GLY A 27 -32.99 3.99 15.11
N CYS A 28 -32.85 4.74 14.04
CA CYS A 28 -31.77 5.71 13.90
C CYS A 28 -32.17 6.71 12.86
N GLU A 29 -31.43 7.81 12.79
CA GLU A 29 -31.64 8.81 11.76
C GLU A 29 -30.32 9.29 11.22
N GLY A 30 -30.29 9.46 9.89
CA GLY A 30 -29.18 10.11 9.22
C GLY A 30 -27.87 9.39 9.44
N ASN A 31 -26.83 10.17 9.73
CA ASN A 31 -25.51 9.60 9.86
C ASN A 31 -25.40 8.61 11.00
N ASP A 32 -26.28 8.73 12.00
CA ASP A 32 -26.19 7.85 13.16
C ASP A 32 -26.64 6.42 12.84
N CYS A 33 -27.17 6.21 11.64
CA CYS A 33 -27.47 4.83 11.19
C CYS A 33 -26.21 4.07 10.85
N TRP A 34 -25.08 4.77 10.73
CA TRP A 34 -23.85 4.14 10.30
C TRP A 34 -22.85 4.00 11.43
N SER A 35 -22.11 2.90 11.42
CA SER A 35 -21.04 2.68 12.38
C SER A 35 -20.01 1.78 11.74
N GLY A 36 -18.83 1.69 12.36
CA GLY A 36 -17.80 0.79 11.89
C GLY A 36 -16.47 1.50 11.66
N MET A 37 -15.48 0.75 11.20
CA MET A 37 -14.15 1.30 11.02
C MET A 37 -14.14 2.49 10.07
N VAL A 38 -14.80 2.35 8.92
CA VAL A 38 -14.81 3.43 7.96
C VAL A 38 -15.58 4.63 8.51
N ASN A 39 -16.70 4.39 9.20
CA ASN A 39 -17.42 5.49 9.81
C ASN A 39 -16.54 6.27 10.80
N ASP A 40 -15.76 5.55 11.59
CA ASP A 40 -14.87 6.22 12.53
C ASP A 40 -13.83 7.07 11.79
N MET A 41 -13.33 6.57 10.66
CA MET A 41 -12.42 7.37 9.84
C MET A 41 -13.10 8.63 9.31
N VAL A 42 -14.32 8.49 8.81
CA VAL A 42 -15.05 9.63 8.24
C VAL A 42 -15.32 10.67 9.33
N VAL A 43 -15.75 10.23 10.51
CA VAL A 43 -16.04 11.13 11.61
C VAL A 43 -14.78 11.92 11.95
N LYS A 44 -13.63 11.26 12.05
CA LYS A 44 -12.42 11.98 12.39
C LYS A 44 -12.01 12.92 11.26
N LEU A 45 -12.10 12.47 10.02
CA LEU A 45 -11.85 13.38 8.89
C LEU A 45 -12.73 14.62 8.94
N SER A 46 -14.02 14.42 9.23
N SER A 46 -14.02 14.44 9.25
CA SER A 46 -14.97 15.52 9.30
CA SER A 46 -14.96 15.54 9.27
C SER A 46 -14.56 16.53 10.37
C SER A 46 -14.63 16.53 10.40
N GLU A 47 -14.16 16.02 11.53
CA GLU A 47 -13.77 16.89 12.65
C GLU A 47 -12.52 17.68 12.29
N ASP A 48 -11.55 17.03 11.67
CA ASP A 48 -10.27 17.67 11.40
C ASP A 48 -10.30 18.60 10.18
N LEU A 49 -11.13 18.28 9.20
CA LEU A 49 -11.17 19.04 7.96
C LEU A 49 -12.35 19.99 7.90
N GLY A 50 -13.34 19.81 8.76
CA GLY A 50 -14.42 20.79 8.91
C GLY A 50 -15.56 20.67 7.92
N PHE A 51 -15.72 19.52 7.30
CA PHE A 51 -16.86 19.31 6.41
C PHE A 51 -18.02 18.63 7.14
N THR A 52 -19.21 18.83 6.59
CA THR A 52 -20.35 17.98 6.95
C THR A 52 -20.52 16.92 5.87
N TYR A 53 -21.30 15.89 6.16
CA TYR A 53 -21.45 14.78 5.23
C TYR A 53 -22.74 14.04 5.42
N GLU A 54 -23.07 13.24 4.42
CA GLU A 54 -24.14 12.26 4.49
C GLU A 54 -23.70 11.06 3.68
N TYR A 55 -24.29 9.92 3.96
CA TYR A 55 -24.04 8.70 3.22
C TYR A 55 -25.17 8.42 2.23
N ILE A 56 -24.77 8.01 1.03
CA ILE A 56 -25.71 7.69 -0.04
C ILE A 56 -25.39 6.28 -0.55
N GLN A 57 -26.35 5.38 -0.41
CA GLN A 57 -26.20 4.02 -0.92
C GLN A 57 -26.72 3.92 -2.38
N PRO A 58 -26.03 3.13 -3.20
CA PRO A 58 -26.56 2.89 -4.55
C PRO A 58 -27.85 2.12 -4.50
N ASP A 59 -28.78 2.49 -5.34
CA ASP A 59 -30.04 1.82 -5.39
C ASP A 59 -29.89 0.35 -5.74
N ASP A 60 -28.89 0.03 -6.55
CA ASP A 60 -28.68 -1.35 -6.97
C ASP A 60 -27.96 -2.21 -5.94
N ARG A 61 -27.52 -1.56 -4.85
CA ARG A 61 -26.84 -2.17 -3.71
C ARG A 61 -25.51 -2.86 -4.01
N LYS A 62 -24.90 -2.52 -5.15
CA LYS A 62 -23.64 -3.15 -5.57
C LYS A 62 -22.42 -2.28 -5.30
N PHE A 63 -21.23 -2.90 -5.23
CA PHE A 63 -19.99 -2.14 -5.13
C PHE A 63 -19.68 -1.47 -6.46
N GLY A 64 -19.56 -2.27 -7.51
CA GLY A 64 -19.46 -1.71 -8.83
C GLY A 64 -18.47 -2.44 -9.72
N ALA A 65 -18.93 -2.70 -10.92
CA ALA A 65 -18.12 -3.31 -11.95
C ALA A 65 -18.52 -2.76 -13.31
N LEU A 66 -17.63 -2.94 -14.28
CA LEU A 66 -17.90 -2.51 -15.64
C LEU A 66 -18.43 -3.67 -16.46
N ASN A 67 -19.64 -3.50 -16.96
CA ASN A 67 -20.24 -4.51 -17.81
C ASN A 67 -19.65 -4.39 -19.21
N LYS A 68 -19.02 -5.45 -19.69
CA LYS A 68 -18.28 -5.37 -20.96
C LYS A 68 -19.20 -5.43 -22.16
N THR A 69 -20.46 -5.80 -21.95
CA THR A 69 -21.42 -5.80 -23.05
C THR A 69 -21.94 -4.40 -23.31
N THR A 70 -22.21 -3.64 -22.25
CA THR A 70 -22.80 -2.30 -22.38
C THR A 70 -21.81 -1.18 -22.17
N ASN A 71 -20.62 -1.53 -21.68
CA ASN A 71 -19.62 -0.53 -21.28
C ASN A 71 -20.18 0.46 -20.27
N GLU A 72 -21.05 -0.01 -19.38
CA GLU A 72 -21.55 0.82 -18.29
C GLU A 72 -21.21 0.24 -16.92
N TRP A 73 -20.99 1.15 -15.99
CA TRP A 73 -20.77 0.82 -14.59
C TRP A 73 -22.07 0.73 -13.81
N ASN A 74 -22.00 0.03 -12.68
CA ASN A 74 -23.06 0.00 -11.72
C ASN A 74 -22.54 0.31 -10.32
N GLY A 75 -23.41 0.19 -9.31
CA GLY A 75 -23.01 0.31 -7.94
C GLY A 75 -22.55 1.68 -7.50
N MET A 76 -21.72 1.66 -6.46
CA MET A 76 -21.16 2.90 -5.93
C MET A 76 -20.28 3.59 -6.95
N ILE A 77 -19.60 2.83 -7.81
CA ILE A 77 -18.75 3.43 -8.84
C ILE A 77 -19.62 4.26 -9.77
N ARG A 78 -20.75 3.69 -10.21
CA ARG A 78 -21.64 4.41 -11.10
C ARG A 78 -22.20 5.68 -10.43
N ASP A 79 -22.59 5.60 -9.16
CA ASP A 79 -23.12 6.80 -8.49
C ASP A 79 -22.06 7.92 -8.45
N LEU A 80 -20.80 7.55 -8.22
CA LEU A 80 -19.73 8.53 -8.24
C LEU A 80 -19.58 9.15 -9.63
N LEU A 81 -19.57 8.32 -10.68
CA LEU A 81 -19.40 8.81 -12.04
C LEU A 81 -20.57 9.70 -12.46
N ASP A 82 -21.75 9.42 -11.90
CA ASP A 82 -22.97 10.19 -12.17
C ASP A 82 -23.05 11.46 -11.31
N ASP A 83 -22.03 11.73 -10.50
CA ASP A 83 -21.98 12.90 -9.61
C ASP A 83 -23.12 12.88 -8.59
N LYS A 84 -23.52 11.69 -8.16
CA LYS A 84 -24.47 11.57 -7.05
C LYS A 84 -23.72 11.58 -5.71
N THR A 85 -22.43 11.31 -5.77
CA THR A 85 -21.57 11.32 -4.58
C THR A 85 -20.25 11.99 -4.93
N ASP A 86 -19.56 12.48 -3.90
CA ASP A 86 -18.27 13.14 -4.02
C ASP A 86 -17.08 12.23 -3.72
N MET A 87 -17.33 11.17 -2.96
CA MET A 87 -16.29 10.24 -2.55
C MET A 87 -16.98 8.93 -2.15
N ILE A 88 -16.32 7.81 -2.40
CA ILE A 88 -16.79 6.50 -1.93
C ILE A 88 -16.01 6.14 -0.67
N ALA A 89 -16.72 6.05 0.46
CA ALA A 89 -16.10 5.80 1.77
C ALA A 89 -16.49 4.39 2.19
N ILE A 90 -15.61 3.43 1.90
CA ILE A 90 -15.86 2.02 2.15
C ILE A 90 -14.51 1.32 1.99
N ASP A 91 -14.48 0.01 2.19
CA ASP A 91 -13.31 -0.79 1.78
C ASP A 91 -13.36 -0.94 0.27
N LEU A 92 -12.85 0.04 -0.48
CA LEU A 92 -12.92 -0.01 -1.94
C LEU A 92 -11.61 -0.56 -2.48
N SER A 93 -11.70 -1.78 -3.02
CA SER A 93 -10.52 -2.46 -3.52
C SER A 93 -9.98 -1.81 -4.77
N THR A 94 -8.65 -1.76 -4.86
CA THR A 94 -7.96 -1.20 -6.01
C THR A 94 -7.87 -2.21 -7.15
N ASN A 95 -8.39 -1.83 -8.31
CA ASN A 95 -8.19 -2.63 -9.51
C ASN A 95 -8.10 -1.73 -10.73
N SER A 96 -7.50 -2.26 -11.79
N SER A 96 -7.52 -2.25 -11.79
CA SER A 96 -7.24 -1.46 -12.98
CA SER A 96 -7.24 -1.44 -12.97
C SER A 96 -8.51 -1.04 -13.70
C SER A 96 -8.49 -1.05 -13.73
N ALA A 97 -9.53 -1.87 -13.69
CA ALA A 97 -10.78 -1.48 -14.35
C ALA A 97 -11.34 -0.20 -13.72
N ARG A 98 -11.43 -0.18 -12.39
CA ARG A 98 -11.88 1.00 -11.68
C ARG A 98 -10.98 2.19 -11.89
N LYS A 99 -9.67 1.94 -11.87
N LYS A 99 -9.66 1.95 -11.88
CA LYS A 99 -8.69 3.02 -12.07
CA LYS A 99 -8.68 3.03 -12.02
C LYS A 99 -8.87 3.72 -13.42
C LYS A 99 -8.80 3.78 -13.36
N SER A 100 -9.41 3.01 -14.40
N SER A 100 -9.32 3.10 -14.38
CA SER A 100 -9.62 3.62 -15.71
CA SER A 100 -9.56 3.75 -15.66
C SER A 100 -10.74 4.67 -15.67
C SER A 100 -10.63 4.83 -15.54
N ALA A 101 -11.57 4.62 -14.64
CA ALA A 101 -12.74 5.50 -14.50
C ALA A 101 -12.66 6.49 -13.33
N ILE A 102 -12.01 6.09 -12.24
CA ILE A 102 -12.00 6.90 -11.02
C ILE A 102 -10.59 6.92 -10.46
N ASP A 103 -10.36 7.78 -9.48
CA ASP A 103 -9.14 7.79 -8.71
C ASP A 103 -9.36 7.11 -7.37
N TYR A 104 -8.25 6.77 -6.71
CA TYR A 104 -8.25 6.24 -5.37
C TYR A 104 -7.51 7.20 -4.46
N SER A 105 -7.94 7.25 -3.21
CA SER A 105 -7.17 7.90 -2.17
C SER A 105 -5.93 7.10 -1.84
N PHE A 106 -5.09 7.67 -0.98
CA PHE A 106 -4.07 6.91 -0.30
C PHE A 106 -4.70 5.70 0.36
N PRO A 107 -4.07 4.51 0.27
CA PRO A 107 -4.72 3.32 0.82
C PRO A 107 -4.68 3.26 2.34
N PHE A 108 -5.64 2.56 2.94
CA PHE A 108 -5.68 2.41 4.39
C PHE A 108 -5.40 0.98 4.86
N MET A 109 -5.41 0.01 3.96
CA MET A 109 -5.21 -1.39 4.36
C MET A 109 -4.84 -2.26 3.17
N ASP A 110 -3.97 -3.25 3.36
N ASP A 110 -3.99 -3.27 3.36
CA ASP A 110 -3.67 -4.24 2.32
CA ASP A 110 -3.67 -4.23 2.32
C ASP A 110 -4.73 -5.35 2.39
C ASP A 110 -4.62 -5.43 2.41
N ALA A 111 -4.94 -6.03 1.27
CA ALA A 111 -5.88 -7.13 1.22
C ALA A 111 -5.55 -8.08 0.09
N GLY A 112 -6.02 -9.32 0.20
CA GLY A 112 -5.82 -10.30 -0.84
C GLY A 112 -7.09 -11.07 -1.07
N ILE A 113 -7.10 -11.84 -2.16
CA ILE A 113 -8.19 -12.77 -2.45
C ILE A 113 -8.00 -14.05 -1.67
N LYS A 114 -9.08 -14.52 -1.06
CA LYS A 114 -9.08 -15.72 -0.24
C LYS A 114 -10.26 -16.60 -0.63
N ALA A 115 -10.04 -17.91 -0.65
CA ALA A 115 -11.08 -18.87 -0.97
C ALA A 115 -11.31 -19.70 0.28
N VAL A 116 -12.57 -19.93 0.61
CA VAL A 116 -12.91 -20.72 1.80
C VAL A 116 -13.95 -21.79 1.50
N VAL A 117 -14.01 -22.80 2.34
CA VAL A 117 -14.92 -23.92 2.14
C VAL A 117 -15.30 -24.51 3.50
N LYS A 118 -16.52 -25.03 3.60
CA LYS A 118 -16.99 -25.70 4.82
C LYS A 118 -16.59 -27.16 4.79
N GLY A 119 -16.13 -27.65 5.93
CA GLY A 119 -15.79 -29.04 6.08
C GLY A 119 -14.29 -29.22 6.17
N GLU A 120 -13.85 -29.89 7.22
CA GLU A 120 -12.44 -30.15 7.42
C GLU A 120 -11.94 -31.08 6.34
N GLY A 121 -10.67 -30.92 5.99
CA GLY A 121 -9.98 -31.91 5.18
C GLY A 121 -10.35 -31.88 3.71
N THR A 122 -10.58 -30.68 3.17
CA THR A 122 -10.87 -30.59 1.76
C THR A 122 -9.68 -31.09 0.95
N THR A 123 -9.97 -31.73 -0.18
CA THR A 123 -8.94 -32.22 -1.07
C THR A 123 -8.44 -31.13 -2.01
N LEU A 124 -9.15 -30.01 -2.06
CA LEU A 124 -8.78 -28.90 -2.95
C LEU A 124 -7.55 -28.19 -2.44
N ASN A 125 -6.55 -28.03 -3.32
CA ASN A 125 -5.31 -27.33 -2.98
C ASN A 125 -5.21 -25.93 -3.59
N GLN A 126 -5.89 -25.70 -4.71
CA GLN A 126 -5.84 -24.42 -5.40
C GLN A 126 -7.15 -24.26 -6.14
N VAL A 127 -7.67 -23.04 -6.24
CA VAL A 127 -9.02 -22.85 -6.78
C VAL A 127 -9.20 -23.33 -8.23
N LEU A 128 -8.16 -23.25 -9.06
CA LEU A 128 -8.34 -23.69 -10.45
C LEU A 128 -8.64 -25.18 -10.52
N GLU A 129 -8.31 -25.94 -9.48
CA GLU A 129 -8.61 -27.37 -9.45
C GLU A 129 -10.11 -27.64 -9.47
N LEU A 130 -10.90 -26.62 -9.11
CA LEU A 130 -12.35 -26.74 -9.13
C LEU A 130 -12.86 -27.10 -10.53
N LEU A 131 -12.14 -26.67 -11.56
CA LEU A 131 -12.59 -26.87 -12.93
C LEU A 131 -12.51 -28.32 -13.37
N ASP A 132 -11.75 -29.12 -12.62
CA ASP A 132 -11.49 -30.52 -12.99
C ASP A 132 -12.22 -31.51 -12.08
N GLN A 133 -13.31 -31.07 -11.46
CA GLN A 133 -14.08 -31.93 -10.55
C GLN A 133 -15.52 -31.45 -10.48
N ASP A 134 -16.38 -32.21 -9.80
CA ASP A 134 -17.79 -31.80 -9.64
C ASP A 134 -18.37 -32.14 -8.26
N LYS A 135 -17.49 -32.38 -7.29
CA LYS A 135 -17.92 -32.55 -5.91
C LYS A 135 -18.33 -31.21 -5.31
N TYR A 136 -17.50 -30.19 -5.56
CA TYR A 136 -17.74 -28.85 -5.04
C TYR A 136 -18.27 -27.91 -6.10
N LYS A 137 -19.23 -27.07 -5.71
CA LYS A 137 -19.58 -25.90 -6.49
C LYS A 137 -18.78 -24.73 -5.91
N TRP A 138 -18.88 -23.57 -6.53
CA TRP A 138 -18.11 -22.41 -6.08
C TRP A 138 -18.72 -21.15 -6.64
N GLY A 139 -18.27 -20.00 -6.15
CA GLY A 139 -18.77 -18.76 -6.70
C GLY A 139 -18.14 -17.52 -6.12
N VAL A 140 -18.37 -16.42 -6.83
CA VAL A 140 -18.03 -15.07 -6.42
C VAL A 140 -19.31 -14.23 -6.48
N ILE A 141 -19.30 -13.11 -5.78
CA ILE A 141 -20.42 -12.18 -5.78
C ILE A 141 -20.30 -11.25 -6.96
N GLY A 142 -21.40 -11.07 -7.67
CA GLY A 142 -21.44 -10.19 -8.82
C GLY A 142 -21.18 -8.74 -8.46
N SER A 143 -20.46 -8.06 -9.34
CA SER A 143 -20.18 -6.62 -9.24
C SER A 143 -19.37 -6.25 -8.01
N ARG A 144 -18.57 -7.19 -7.53
CA ARG A 144 -17.61 -7.00 -6.45
C ARG A 144 -16.22 -7.18 -7.03
N HIS A 145 -15.19 -6.72 -6.33
CA HIS A 145 -13.83 -6.74 -6.84
C HIS A 145 -13.28 -8.12 -7.20
N PRO A 146 -13.49 -9.14 -6.36
CA PRO A 146 -12.91 -10.44 -6.73
C PRO A 146 -13.37 -10.92 -8.11
N GLU A 147 -14.64 -10.78 -8.44
CA GLU A 147 -15.13 -11.14 -9.75
C GLU A 147 -14.33 -10.41 -10.84
N THR A 148 -14.11 -9.12 -10.66
CA THR A 148 -13.38 -8.33 -11.63
C THR A 148 -11.94 -8.78 -11.76
N LEU A 149 -11.27 -9.03 -10.64
CA LEU A 149 -9.88 -9.47 -10.72
C LEU A 149 -9.75 -10.80 -11.42
N LEU A 150 -10.65 -11.73 -11.13
CA LEU A 150 -10.56 -13.03 -11.76
C LEU A 150 -10.87 -12.93 -13.25
N LYS A 151 -11.82 -12.09 -13.64
CA LYS A 151 -12.19 -11.92 -15.05
C LYS A 151 -11.14 -11.20 -15.85
N THR A 152 -10.28 -10.42 -15.20
CA THR A 152 -9.26 -9.70 -15.94
C THR A 152 -7.87 -10.36 -15.82
N HIS A 153 -7.77 -11.44 -15.03
CA HIS A 153 -6.51 -12.20 -14.87
C HIS A 153 -6.02 -12.71 -16.22
N ARG A 154 -4.71 -12.65 -16.41
CA ARG A 154 -4.05 -13.09 -17.65
C ARG A 154 -4.40 -14.53 -18.03
N ASP A 155 -4.53 -15.36 -17.02
CA ASP A 155 -4.85 -16.78 -17.16
C ASP A 155 -6.38 -16.89 -17.24
N SER A 156 -6.88 -17.12 -18.44
CA SER A 156 -8.34 -17.13 -18.64
C SER A 156 -9.05 -18.27 -17.96
N ARG A 157 -8.32 -19.21 -17.36
CA ARG A 157 -8.98 -20.20 -16.53
C ARG A 157 -9.67 -19.54 -15.35
N TYR A 158 -9.20 -18.37 -14.91
CA TYR A 158 -9.89 -17.64 -13.85
C TYR A 158 -11.21 -17.08 -14.32
N SER A 159 -11.28 -16.68 -15.59
N SER A 159 -11.28 -16.66 -15.58
CA SER A 159 -12.53 -16.26 -16.19
CA SER A 159 -12.57 -16.26 -16.17
C SER A 159 -13.50 -17.43 -16.31
C SER A 159 -13.51 -17.45 -16.22
N ARG A 160 -12.98 -18.62 -16.54
CA ARG A 160 -13.81 -19.83 -16.50
C ARG A 160 -14.41 -20.05 -15.12
N LEU A 161 -13.61 -19.88 -14.08
CA LEU A 161 -14.11 -20.07 -12.73
C LEU A 161 -15.29 -19.16 -12.46
N VAL A 162 -15.15 -17.90 -12.85
CA VAL A 162 -16.24 -16.96 -12.65
C VAL A 162 -17.45 -17.34 -13.50
N ASP A 163 -17.23 -17.57 -14.79
CA ASP A 163 -18.34 -17.83 -15.70
C ASP A 163 -19.10 -19.11 -15.36
N GLU A 164 -18.40 -20.09 -14.80
CA GLU A 164 -18.99 -21.39 -14.53
C GLU A 164 -19.41 -21.55 -13.07
N GLY A 165 -19.20 -20.52 -12.28
CA GLY A 165 -19.58 -20.54 -10.88
C GLY A 165 -21.02 -20.11 -10.65
N VAL A 166 -21.43 -20.21 -9.40
CA VAL A 166 -22.76 -19.79 -8.98
C VAL A 166 -22.68 -18.29 -8.79
N GLU A 167 -23.63 -17.53 -9.32
CA GLU A 167 -23.59 -16.10 -9.03
C GLU A 167 -24.25 -15.88 -7.67
N LEU A 168 -23.61 -15.04 -6.89
CA LEU A 168 -24.05 -14.76 -5.53
C LEU A 168 -24.43 -13.30 -5.48
N LYS A 169 -25.51 -13.01 -4.78
CA LYS A 169 -26.11 -11.68 -4.76
C LYS A 169 -25.29 -10.72 -3.91
N ASP A 170 -24.88 -11.19 -2.75
CA ASP A 170 -24.24 -10.32 -1.75
C ASP A 170 -23.55 -11.19 -0.70
N LEU A 171 -22.93 -10.55 0.28
CA LEU A 171 -22.15 -11.27 1.26
C LEU A 171 -23.00 -12.25 2.08
N ASN A 172 -24.21 -11.84 2.45
CA ASN A 172 -25.10 -12.74 3.19
C ASN A 172 -25.45 -14.00 2.42
N HIS A 173 -25.78 -13.84 1.14
CA HIS A 173 -26.13 -14.95 0.29
C HIS A 173 -24.93 -15.89 0.19
N ALA A 174 -23.75 -15.31 0.03
CA ALA A 174 -22.54 -16.11 -0.17
C ALA A 174 -22.21 -16.94 1.07
N ILE A 175 -22.35 -16.34 2.23
CA ILE A 175 -22.01 -17.04 3.48
C ILE A 175 -23.05 -18.13 3.78
N GLU A 176 -24.30 -17.84 3.46
CA GLU A 176 -25.37 -18.82 3.55
C GLU A 176 -25.02 -20.05 2.71
N THR A 177 -24.62 -19.79 1.46
CA THR A 177 -24.30 -20.87 0.52
C THR A 177 -23.07 -21.65 0.99
N LEU A 178 -22.04 -20.93 1.41
CA LEU A 178 -20.86 -21.52 2.03
C LEU A 178 -21.23 -22.47 3.19
N ARG A 179 -22.06 -21.98 4.09
CA ARG A 179 -22.45 -22.75 5.28
C ARG A 179 -23.33 -23.95 4.91
N GLY A 180 -23.84 -23.96 3.69
CA GLY A 180 -24.61 -25.07 3.18
C GLY A 180 -23.77 -26.27 2.77
N GLY A 181 -22.46 -26.06 2.65
CA GLY A 181 -21.54 -27.13 2.35
C GLY A 181 -21.24 -27.34 0.87
N LEU A 182 -20.15 -28.07 0.63
CA LEU A 182 -19.72 -28.42 -0.72
C LEU A 182 -19.65 -27.22 -1.64
N PHE A 183 -19.15 -26.11 -1.11
CA PHE A 183 -19.15 -24.85 -1.85
C PHE A 183 -17.95 -24.01 -1.47
N VAL A 184 -17.17 -23.63 -2.47
CA VAL A 184 -16.01 -22.76 -2.27
C VAL A 184 -16.39 -21.31 -2.61
N PHE A 185 -16.30 -20.45 -1.61
CA PHE A 185 -16.60 -19.03 -1.78
C PHE A 185 -15.30 -18.28 -1.91
N ILE A 186 -15.16 -17.50 -2.98
CA ILE A 186 -13.95 -16.75 -3.25
C ILE A 186 -14.23 -15.27 -3.04
N ASP A 187 -13.55 -14.66 -2.08
CA ASP A 187 -13.77 -13.23 -1.81
C ASP A 187 -12.50 -12.61 -1.22
N GLU A 188 -12.62 -11.69 -0.25
CA GLU A 188 -11.47 -10.92 0.22
C GLU A 188 -11.09 -11.29 1.66
N GLY A 189 -9.79 -11.42 1.92
CA GLY A 189 -9.31 -11.88 3.21
C GLY A 189 -9.89 -11.17 4.43
N PRO A 190 -9.82 -9.82 4.46
CA PRO A 190 -10.23 -9.14 5.70
C PRO A 190 -11.73 -9.28 5.98
N VAL A 191 -12.52 -9.30 4.90
CA VAL A 191 -13.96 -9.46 5.03
C VAL A 191 -14.29 -10.86 5.51
N LEU A 192 -13.60 -11.85 4.96
CA LEU A 192 -13.80 -13.23 5.38
C LEU A 192 -13.26 -13.50 6.78
N ALA A 193 -12.14 -12.87 7.15
CA ALA A 193 -11.58 -13.06 8.50
C ALA A 193 -12.58 -12.62 9.55
N HIS A 194 -13.14 -11.43 9.38
CA HIS A 194 -14.28 -10.99 10.16
C HIS A 194 -15.41 -11.78 9.50
N ASN A 195 -16.62 -11.73 9.98
CA ASN A 195 -17.70 -12.47 9.31
C ASN A 195 -17.62 -14.01 9.39
N LEU A 196 -16.43 -14.61 9.33
CA LEU A 196 -16.32 -16.08 9.53
C LEU A 196 -15.56 -16.51 10.78
N ILE A 197 -15.32 -15.55 11.68
CA ILE A 197 -14.50 -15.80 12.86
C ILE A 197 -15.04 -16.92 13.74
N SER A 198 -16.37 -17.10 13.74
CA SER A 198 -17.01 -18.11 14.59
C SER A 198 -17.34 -19.41 13.87
N ASP A 199 -17.10 -19.44 12.56
CA ASP A 199 -17.31 -20.66 11.77
C ASP A 199 -16.09 -21.57 11.87
N CYS A 200 -16.06 -22.39 12.89
CA CYS A 200 -14.88 -23.20 13.18
C CYS A 200 -14.69 -24.32 12.17
N ASP A 201 -15.72 -24.59 11.37
CA ASP A 201 -15.65 -25.67 10.37
C ASP A 201 -15.44 -25.14 8.95
N VAL A 202 -15.05 -23.88 8.84
CA VAL A 202 -14.74 -23.28 7.54
C VAL A 202 -13.23 -23.08 7.44
N PHE A 203 -12.67 -23.46 6.29
CA PHE A 203 -11.22 -23.49 6.09
C PHE A 203 -10.81 -22.86 4.76
N SER A 204 -9.56 -22.44 4.69
N SER A 204 -9.56 -22.41 4.69
CA SER A 204 -9.01 -21.83 3.48
CA SER A 204 -9.01 -21.83 3.47
C SER A 204 -8.67 -22.86 2.41
C SER A 204 -8.72 -22.88 2.41
N VAL A 205 -8.88 -22.49 1.15
CA VAL A 205 -8.49 -23.31 0.01
C VAL A 205 -7.33 -22.62 -0.67
N GLY A 206 -6.17 -23.25 -0.63
CA GLY A 206 -4.96 -22.64 -1.15
C GLY A 206 -4.51 -21.48 -0.28
N GLU A 207 -3.58 -20.70 -0.81
CA GLU A 207 -3.09 -19.51 -0.13
C GLU A 207 -3.81 -18.29 -0.70
N GLU A 208 -3.69 -17.15 -0.05
CA GLU A 208 -4.24 -15.94 -0.61
C GLU A 208 -3.45 -15.56 -1.86
N PHE A 209 -4.12 -14.91 -2.82
CA PHE A 209 -3.48 -14.52 -4.06
C PHE A 209 -4.01 -13.18 -4.55
N GLN A 210 -3.24 -12.56 -5.44
CA GLN A 210 -3.44 -11.15 -5.81
C GLN A 210 -3.23 -10.27 -4.59
N SER A 211 -2.46 -9.20 -4.75
CA SER A 211 -2.24 -8.25 -3.68
C SER A 211 -2.89 -6.96 -4.13
N PHE A 212 -3.75 -6.39 -3.28
CA PHE A 212 -4.32 -5.08 -3.60
C PHE A 212 -4.53 -4.30 -2.31
N GLU A 213 -5.16 -3.14 -2.44
CA GLU A 213 -5.38 -2.25 -1.30
C GLU A 213 -6.84 -1.95 -1.16
N TYR A 214 -7.24 -1.56 0.04
CA TYR A 214 -8.48 -0.84 0.28
C TYR A 214 -8.15 0.65 0.38
N ALA A 215 -8.96 1.45 -0.30
CA ALA A 215 -8.83 2.90 -0.34
C ALA A 215 -10.21 3.50 -0.45
N PHE A 216 -10.29 4.82 -0.41
CA PHE A 216 -11.54 5.50 -0.79
C PHE A 216 -11.52 5.82 -2.28
N GLY A 217 -12.70 5.95 -2.88
CA GLY A 217 -12.81 6.31 -4.28
C GLY A 217 -13.08 7.78 -4.46
N LEU A 218 -12.40 8.39 -5.43
CA LEU A 218 -12.56 9.81 -5.71
C LEU A 218 -12.78 10.03 -7.20
N PRO A 219 -13.61 11.01 -7.56
CA PRO A 219 -13.70 11.30 -8.99
C PRO A 219 -12.39 11.88 -9.50
N LYS A 220 -12.08 11.64 -10.77
CA LYS A 220 -10.92 12.27 -11.39
C LYS A 220 -11.05 13.79 -11.23
N ASP A 221 -9.94 14.47 -10.99
CA ASP A 221 -9.92 15.92 -10.76
C ASP A 221 -10.67 16.42 -9.51
N SER A 222 -10.95 15.53 -8.57
CA SER A 222 -11.54 15.97 -7.31
C SER A 222 -10.68 17.04 -6.66
N PRO A 223 -11.31 18.12 -6.16
CA PRO A 223 -10.50 19.14 -5.48
C PRO A 223 -10.11 18.73 -4.07
N TYR A 224 -10.64 17.59 -3.61
CA TYR A 224 -10.45 17.14 -2.23
C TYR A 224 -9.41 16.02 -2.08
N LYS A 225 -8.87 15.52 -3.19
CA LYS A 225 -8.01 14.34 -3.10
C LYS A 225 -6.75 14.59 -2.27
N SER A 226 -6.11 15.73 -2.47
N SER A 226 -6.10 15.73 -2.45
CA SER A 226 -4.86 16.02 -1.77
CA SER A 226 -4.84 15.98 -1.77
C SER A 226 -5.07 15.95 -0.26
C SER A 226 -5.01 16.03 -0.25
N LEU A 227 -6.09 16.66 0.23
CA LEU A 227 -6.35 16.69 1.66
C LEU A 227 -6.78 15.33 2.21
N ILE A 228 -7.64 14.62 1.50
CA ILE A 228 -8.03 13.31 1.97
C ILE A 228 -6.79 12.42 2.04
N ASP A 229 -5.95 12.47 1.01
CA ASP A 229 -4.76 11.60 0.99
C ASP A 229 -3.83 11.90 2.17
N SER A 230 -3.58 13.18 2.43
N SER A 230 -3.58 13.19 2.39
CA SER A 230 -2.63 13.50 3.49
CA SER A 230 -2.70 13.60 3.48
C SER A 230 -3.18 13.17 4.88
C SER A 230 -3.21 13.09 4.82
N HIS A 231 -4.50 13.26 5.05
CA HIS A 231 -5.06 12.88 6.33
C HIS A 231 -5.13 11.37 6.50
N LEU A 232 -5.38 10.62 5.42
CA LEU A 232 -5.35 9.18 5.54
C LEU A 232 -3.94 8.67 5.81
N LEU A 233 -2.95 9.28 5.18
CA LEU A 233 -1.56 8.90 5.47
C LEU A 233 -1.25 9.14 6.95
N LYS A 234 -1.66 10.29 7.46
N LYS A 234 -1.65 10.29 7.46
CA LYS A 234 -1.44 10.59 8.87
CA LYS A 234 -1.46 10.59 8.88
C LYS A 234 -2.13 9.58 9.77
C LYS A 234 -2.12 9.55 9.76
N PHE A 235 -3.35 9.17 9.42
CA PHE A 235 -4.04 8.14 10.21
C PHE A 235 -3.18 6.88 10.27
N ARG A 236 -2.60 6.47 9.14
CA ARG A 236 -1.81 5.27 9.12
C ARG A 236 -0.55 5.44 9.98
N GLU A 237 0.15 6.56 9.77
CA GLU A 237 1.42 6.83 10.44
C GLU A 237 1.25 6.94 11.95
N GLU A 238 0.14 7.51 12.41
CA GLU A 238 -0.10 7.69 13.82
C GLU A 238 -0.66 6.44 14.49
N GLY A 239 -0.98 5.41 13.72
CA GLY A 239 -1.45 4.15 14.29
C GLY A 239 -2.95 4.09 14.44
N PHE A 240 -3.67 5.09 13.91
CA PHE A 240 -5.13 5.14 14.05
C PHE A 240 -5.82 4.01 13.31
N ILE A 241 -5.35 3.70 12.09
CA ILE A 241 -5.96 2.61 11.34
C ILE A 241 -5.83 1.30 12.09
N ASP A 242 -4.66 1.04 12.68
CA ASP A 242 -4.45 -0.20 13.42
C ASP A 242 -5.35 -0.26 14.65
N ILE A 243 -5.48 0.86 15.35
CA ILE A 243 -6.38 0.93 16.51
C ILE A 243 -7.83 0.64 16.08
N LEU A 244 -8.28 1.20 14.96
CA LEU A 244 -9.64 0.95 14.51
C LEU A 244 -9.85 -0.51 14.09
N TRP A 245 -8.87 -1.12 13.44
CA TRP A 245 -9.02 -2.51 13.07
C TRP A 245 -9.12 -3.37 14.33
N GLU A 246 -8.32 -3.08 15.35
CA GLU A 246 -8.40 -3.82 16.60
C GLU A 246 -9.76 -3.63 17.26
N LYS A 247 -10.29 -2.41 17.17
CA LYS A 247 -11.61 -2.11 17.77
C LYS A 247 -12.73 -2.88 17.09
N TRP A 248 -12.72 -2.93 15.76
CA TRP A 248 -13.86 -3.41 14.99
C TRP A 248 -13.77 -4.85 14.54
N SER A 249 -12.58 -5.37 14.31
CA SER A 249 -12.49 -6.73 13.78
C SER A 249 -12.60 -7.68 14.94
N SER A 250 -13.34 -8.76 14.74
CA SER A 250 -13.61 -9.72 15.81
C SER A 250 -12.33 -10.37 16.35
N GLY B 1 -4.51 15.92 -18.05
CA GLY B 1 -5.54 15.48 -19.02
C GLY B 1 -4.96 15.26 -20.41
N SER B 2 -4.66 16.35 -21.10
CA SER B 2 -4.15 16.28 -22.47
C SER B 2 -2.68 15.83 -22.47
N LYS B 3 -1.89 16.32 -21.52
CA LYS B 3 -0.48 15.96 -21.44
C LYS B 3 -0.32 14.47 -21.10
N ASN B 4 0.43 13.77 -21.93
CA ASN B 4 0.92 12.43 -21.60
C ASN B 4 2.44 12.44 -21.63
N LEU B 5 3.06 11.27 -21.59
CA LEU B 5 4.51 11.16 -21.51
C LEU B 5 5.21 10.90 -22.83
N ILE B 6 4.47 10.79 -23.92
CA ILE B 6 5.09 10.42 -25.18
C ILE B 6 6.05 11.50 -25.67
N GLY B 7 7.30 11.10 -25.87
CA GLY B 7 8.34 12.00 -26.32
C GLY B 7 8.98 12.83 -25.23
N ARG B 8 8.48 12.74 -23.99
CA ARG B 8 9.06 13.51 -22.90
C ARG B 8 10.37 12.88 -22.48
N HIS B 9 11.25 13.70 -21.91
CA HIS B 9 12.49 13.24 -21.31
C HIS B 9 12.44 13.51 -19.82
N LEU B 10 12.32 12.45 -19.03
CA LEU B 10 12.24 12.56 -17.58
C LEU B 10 13.60 12.49 -16.91
N ARG B 11 13.77 13.34 -15.91
CA ARG B 11 14.94 13.28 -15.02
C ARG B 11 14.47 12.61 -13.74
N LEU B 12 15.05 11.46 -13.41
CA LEU B 12 14.59 10.63 -12.31
C LEU B 12 15.60 10.68 -11.17
N GLY B 13 15.14 11.04 -9.99
CA GLY B 13 16.01 11.03 -8.84
C GLY B 13 16.20 9.62 -8.34
N SER B 14 17.43 9.26 -8.01
CA SER B 14 17.69 7.95 -7.46
C SER B 14 19.07 7.93 -6.81
N VAL B 15 19.30 6.87 -6.04
CA VAL B 15 20.61 6.57 -5.45
C VAL B 15 20.70 5.06 -5.36
N GLU B 16 21.90 4.52 -5.15
CA GLU B 16 22.03 3.10 -4.86
C GLU B 16 21.33 2.75 -3.55
N GLU B 17 20.54 1.69 -3.58
CA GLU B 17 19.92 1.11 -2.39
C GLU B 17 19.54 -0.30 -2.79
N GLN B 18 20.39 -1.25 -2.49
CA GLN B 18 20.19 -2.61 -2.96
C GLN B 18 19.03 -3.22 -2.18
N PRO B 19 18.13 -3.99 -2.84
CA PRO B 19 18.17 -4.48 -4.22
C PRO B 19 17.32 -3.64 -5.18
N PHE B 20 16.87 -2.48 -4.73
CA PHE B 20 16.05 -1.59 -5.53
C PHE B 20 16.85 -0.93 -6.65
N MET B 21 18.06 -0.46 -6.33
CA MET B 21 18.95 0.13 -7.30
C MET B 21 20.38 -0.21 -6.95
N PHE B 22 21.15 -0.52 -8.01
CA PHE B 22 22.58 -0.73 -7.96
C PHE B 22 23.18 0.30 -8.92
N PHE B 23 24.25 0.99 -8.51
CA PHE B 23 24.87 2.00 -9.34
C PHE B 23 26.33 1.62 -9.55
N ALA B 24 26.72 1.37 -10.80
CA ALA B 24 28.10 1.09 -11.13
C ALA B 24 28.86 2.39 -11.25
N THR B 25 30.07 2.43 -10.67
CA THR B 25 30.83 3.67 -10.61
C THR B 25 31.91 3.77 -11.67
N GLU B 26 32.03 2.74 -12.49
CA GLU B 26 33.01 2.71 -13.57
C GLU B 26 32.52 1.70 -14.61
N GLY B 27 33.06 1.80 -15.83
CA GLY B 27 32.82 0.80 -16.86
C GLY B 27 31.43 0.84 -17.45
N CYS B 28 30.82 2.03 -17.44
CA CYS B 28 29.45 2.19 -17.89
C CYS B 28 29.22 3.66 -18.16
N GLU B 29 28.15 3.97 -18.86
CA GLU B 29 27.76 5.35 -19.13
C GLU B 29 26.26 5.46 -19.03
N GLY B 30 25.79 6.56 -18.44
CA GLY B 30 24.37 6.91 -18.49
C GLY B 30 23.50 5.88 -17.81
N ASN B 31 22.37 5.55 -18.43
CA ASN B 31 21.41 4.67 -17.81
C ASN B 31 21.98 3.26 -17.60
N ASP B 32 22.99 2.87 -18.38
CA ASP B 32 23.57 1.53 -18.27
C ASP B 32 24.29 1.33 -16.95
N CYS B 33 24.58 2.41 -16.22
CA CYS B 33 25.19 2.29 -14.90
C CYS B 33 24.23 1.76 -13.83
N TRP B 34 22.94 1.76 -14.13
CA TRP B 34 21.91 1.44 -13.15
C TRP B 34 21.29 0.09 -13.43
N SER B 35 20.97 -0.62 -12.35
CA SER B 35 20.27 -1.89 -12.45
C SER B 35 19.49 -2.09 -11.14
N GLY B 36 18.56 -3.04 -11.13
CA GLY B 36 17.81 -3.39 -9.94
C GLY B 36 16.32 -3.43 -10.16
N MET B 37 15.58 -3.68 -9.09
CA MET B 37 14.15 -3.78 -9.19
C MET B 37 13.53 -2.50 -9.73
N VAL B 38 13.92 -1.38 -9.16
CA VAL B 38 13.36 -0.10 -9.58
C VAL B 38 13.75 0.22 -11.00
N ASN B 39 14.99 -0.06 -11.38
CA ASN B 39 15.39 0.16 -12.76
C ASN B 39 14.52 -0.65 -13.74
N ASP B 40 14.23 -1.90 -13.39
CA ASP B 40 13.39 -2.74 -14.24
C ASP B 40 11.99 -2.12 -14.37
N MET B 41 11.46 -1.53 -13.29
CA MET B 41 10.17 -0.86 -13.36
C MET B 41 10.21 0.36 -14.27
N VAL B 42 11.25 1.15 -14.14
CA VAL B 42 11.42 2.34 -14.97
C VAL B 42 11.55 1.98 -16.45
N VAL B 43 12.34 0.95 -16.76
CA VAL B 43 12.49 0.52 -18.15
C VAL B 43 11.12 0.17 -18.75
N LYS B 44 10.33 -0.61 -18.01
N LYS B 44 10.32 -0.63 -18.03
CA LYS B 44 9.04 -1.03 -18.49
CA LYS B 44 9.01 -0.99 -18.55
C LYS B 44 8.09 0.17 -18.64
C LYS B 44 8.14 0.25 -18.71
N LEU B 45 8.12 1.09 -17.68
CA LEU B 45 7.33 2.31 -17.78
C LEU B 45 7.73 3.14 -19.00
N SER B 46 9.03 3.23 -19.26
N SER B 46 9.03 3.26 -19.23
CA SER B 46 9.50 4.06 -20.38
CA SER B 46 9.56 4.00 -20.36
C SER B 46 9.04 3.45 -21.71
C SER B 46 9.04 3.46 -21.68
N GLU B 47 9.06 2.14 -21.81
CA GLU B 47 8.62 1.47 -23.04
C GLU B 47 7.13 1.64 -23.25
N ASP B 48 6.35 1.48 -22.20
CA ASP B 48 4.90 1.54 -22.31
C ASP B 48 4.36 2.96 -22.48
N LEU B 49 5.04 3.97 -21.90
CA LEU B 49 4.55 5.34 -21.86
C LEU B 49 5.26 6.27 -22.84
N GLY B 50 6.35 5.79 -23.43
CA GLY B 50 7.01 6.48 -24.53
C GLY B 50 7.96 7.60 -24.16
N PHE B 51 8.46 7.63 -22.93
CA PHE B 51 9.43 8.65 -22.51
C PHE B 51 10.86 8.10 -22.57
N THR B 52 11.82 9.00 -22.70
CA THR B 52 13.22 8.71 -22.40
C THR B 52 13.53 9.23 -21.01
N TYR B 53 14.67 8.82 -20.45
CA TYR B 53 14.96 9.23 -19.08
C TYR B 53 16.46 9.22 -18.81
N GLU B 54 16.82 9.87 -17.71
CA GLU B 54 18.14 9.76 -17.12
C GLU B 54 17.96 9.77 -15.62
N TYR B 55 18.95 9.30 -14.87
CA TYR B 55 18.93 9.34 -13.42
C TYR B 55 19.87 10.41 -12.90
N ILE B 56 19.42 11.10 -11.87
CA ILE B 56 20.17 12.20 -11.26
C ILE B 56 20.24 11.95 -9.77
N GLN B 57 21.45 11.86 -9.23
CA GLN B 57 21.66 11.64 -7.80
C GLN B 57 21.86 12.98 -7.11
N PRO B 58 21.33 13.09 -5.89
CA PRO B 58 21.62 14.32 -5.14
C PRO B 58 23.08 14.35 -4.73
N ASP B 59 23.68 15.52 -4.80
CA ASP B 59 25.07 15.66 -4.39
C ASP B 59 25.27 15.25 -2.93
N ASP B 60 24.27 15.48 -2.08
CA ASP B 60 24.41 15.17 -0.66
C ASP B 60 24.21 13.68 -0.35
N ARG B 61 23.82 12.92 -1.37
CA ARG B 61 23.59 11.47 -1.32
C ARG B 61 22.57 11.05 -0.23
N LYS B 62 21.68 11.97 0.12
N LYS B 62 21.64 11.95 0.06
CA LYS B 62 20.61 11.71 1.09
CA LYS B 62 20.60 11.72 1.06
C LYS B 62 19.28 11.38 0.43
C LYS B 62 19.24 11.43 0.43
N PHE B 63 18.40 10.70 1.16
CA PHE B 63 17.05 10.45 0.68
C PHE B 63 16.22 11.71 0.80
N GLY B 64 16.11 12.27 2.01
CA GLY B 64 15.53 13.58 2.17
C GLY B 64 14.72 13.70 3.44
N ALA B 65 14.99 14.77 4.17
CA ALA B 65 14.27 15.13 5.37
C ALA B 65 14.18 16.64 5.48
N LEU B 66 13.26 17.09 6.31
CA LEU B 66 13.03 18.49 6.54
C LEU B 66 13.77 18.94 7.78
N ASN B 67 14.63 19.93 7.61
CA ASN B 67 15.38 20.49 8.71
C ASN B 67 14.48 21.48 9.45
N LYS B 68 14.21 21.22 10.72
CA LYS B 68 13.29 22.09 11.45
C LYS B 68 13.90 23.43 11.86
N THR B 69 15.22 23.55 11.78
CA THR B 69 15.85 24.83 12.05
C THR B 69 15.73 25.77 10.85
N THR B 70 16.02 25.25 9.66
CA THR B 70 16.01 26.06 8.44
C THR B 70 14.73 25.99 7.62
N ASN B 71 13.88 25.02 7.92
CA ASN B 71 12.69 24.73 7.11
C ASN B 71 13.01 24.39 5.65
N GLU B 72 14.17 23.80 5.42
CA GLU B 72 14.58 23.38 4.09
C GLU B 72 14.75 21.87 4.04
N TRP B 73 14.50 21.33 2.86
CA TRP B 73 14.66 19.91 2.53
C TRP B 73 16.06 19.64 2.00
N ASN B 74 16.44 18.38 2.01
CA ASN B 74 17.69 17.95 1.40
C ASN B 74 17.43 16.69 0.56
N GLY B 75 18.50 16.11 0.05
CA GLY B 75 18.40 14.84 -0.65
C GLY B 75 17.60 14.86 -1.93
N MET B 76 17.07 13.69 -2.28
CA MET B 76 16.25 13.55 -3.47
C MET B 76 15.02 14.40 -3.38
N ILE B 77 14.47 14.56 -2.18
CA ILE B 77 13.29 15.37 -2.03
C ILE B 77 13.57 16.82 -2.46
N ARG B 78 14.68 17.38 -1.99
CA ARG B 78 15.06 18.73 -2.38
C ARG B 78 15.27 18.87 -3.88
N ASP B 79 15.93 17.89 -4.50
CA ASP B 79 16.15 17.94 -5.95
C ASP B 79 14.83 17.99 -6.70
N LEU B 80 13.84 17.22 -6.24
CA LEU B 80 12.52 17.22 -6.86
C LEU B 80 11.84 18.59 -6.69
N LEU B 81 11.87 19.13 -5.49
CA LEU B 81 11.28 20.45 -5.24
C LEU B 81 11.93 21.54 -6.06
N ASP B 82 13.23 21.39 -6.34
CA ASP B 82 14.00 22.40 -7.07
C ASP B 82 13.92 22.19 -8.58
N ASP B 83 13.10 21.24 -9.04
CA ASP B 83 12.88 20.96 -10.46
C ASP B 83 14.13 20.41 -11.13
N LYS B 84 15.05 19.83 -10.38
CA LYS B 84 16.17 19.11 -10.98
C LYS B 84 15.71 17.73 -11.49
N THR B 85 14.67 17.19 -10.88
CA THR B 85 14.09 15.92 -11.27
C THR B 85 12.57 16.06 -11.37
N ASP B 86 11.95 15.09 -12.06
CA ASP B 86 10.52 15.01 -12.30
C ASP B 86 9.82 13.95 -11.47
N MET B 87 10.59 12.98 -11.00
CA MET B 87 10.04 11.87 -10.25
C MET B 87 11.20 11.28 -9.48
N ILE B 88 10.95 10.79 -8.28
CA ILE B 88 11.95 10.09 -7.49
C ILE B 88 11.65 8.61 -7.66
N ALA B 89 12.56 7.89 -8.33
CA ALA B 89 12.39 6.48 -8.65
C ALA B 89 13.34 5.66 -7.77
N ILE B 90 12.82 5.20 -6.63
CA ILE B 90 13.58 4.49 -5.60
C ILE B 90 12.54 3.90 -4.66
N ASP B 91 13.01 3.15 -3.67
CA ASP B 91 12.14 2.79 -2.54
C ASP B 91 11.92 4.02 -1.66
N LEU B 92 10.96 4.85 -2.02
CA LEU B 92 10.72 6.09 -1.27
C LEU B 92 9.60 5.85 -0.30
N SER B 93 9.95 5.88 0.99
CA SER B 93 8.98 5.61 2.03
C SER B 93 7.98 6.75 2.20
N THR B 94 6.74 6.38 2.46
CA THR B 94 5.67 7.34 2.69
C THR B 94 5.70 7.85 4.14
N ASN B 95 5.81 9.17 4.28
CA ASN B 95 5.67 9.80 5.60
C ASN B 95 4.99 11.16 5.48
N SER B 96 4.39 11.61 6.57
N SER B 96 4.41 11.62 6.57
CA SER B 96 3.63 12.84 6.55
CA SER B 96 3.62 12.84 6.55
C SER B 96 4.48 14.07 6.30
C SER B 96 4.45 14.10 6.34
N ALA B 97 5.71 14.08 6.77
CA ALA B 97 6.57 15.23 6.51
C ALA B 97 6.77 15.41 5.01
N ARG B 98 7.12 14.35 4.31
CA ARG B 98 7.29 14.40 2.85
C ARG B 98 6.00 14.76 2.14
N LYS B 99 4.89 14.19 2.61
N LYS B 99 4.88 14.20 2.61
CA LYS B 99 3.60 14.40 1.98
CA LYS B 99 3.59 14.46 2.00
C LYS B 99 3.16 15.87 2.05
C LYS B 99 3.25 15.94 2.05
N SER B 100 3.72 16.62 3.00
N SER B 100 3.72 16.65 3.07
CA SER B 100 3.42 18.05 3.07
CA SER B 100 3.47 18.09 3.15
C SER B 100 4.04 18.81 1.89
C SER B 100 4.13 18.87 1.99
N ALA B 101 5.14 18.28 1.36
CA ALA B 101 5.90 18.93 0.28
C ALA B 101 5.75 18.32 -1.11
N ILE B 102 5.57 17.00 -1.19
CA ILE B 102 5.48 16.28 -2.46
C ILE B 102 4.31 15.32 -2.45
N ASP B 103 4.01 14.76 -3.61
CA ASP B 103 3.05 13.69 -3.73
C ASP B 103 3.78 12.36 -3.88
N TYR B 104 3.02 11.30 -3.71
CA TYR B 104 3.49 9.94 -3.92
C TYR B 104 2.69 9.30 -5.03
N SER B 105 3.34 8.43 -5.79
CA SER B 105 2.63 7.55 -6.69
C SER B 105 1.85 6.51 -5.91
N PHE B 106 1.03 5.76 -6.64
CA PHE B 106 0.50 4.51 -6.14
C PHE B 106 1.65 3.66 -5.55
N PRO B 107 1.46 3.04 -4.40
CA PRO B 107 2.58 2.29 -3.81
C PRO B 107 2.91 0.99 -4.53
N PHE B 108 4.17 0.58 -4.46
CA PHE B 108 4.58 -0.69 -5.04
C PHE B 108 4.91 -1.79 -4.01
N MET B 109 5.11 -1.45 -2.74
CA MET B 109 5.51 -2.43 -1.73
C MET B 109 5.17 -1.92 -0.33
N ASP B 110 4.76 -2.82 0.56
N ASP B 110 4.71 -2.80 0.56
CA ASP B 110 4.58 -2.50 1.98
CA ASP B 110 4.57 -2.50 1.97
C ASP B 110 5.88 -2.70 2.73
C ASP B 110 5.94 -2.60 2.65
N ALA B 111 6.14 -1.83 3.71
CA ALA B 111 7.38 -1.90 4.49
C ALA B 111 7.11 -1.47 5.93
N GLY B 112 8.01 -1.88 6.82
CA GLY B 112 7.95 -1.45 8.20
C GLY B 112 9.32 -1.12 8.73
N ILE B 113 9.36 -0.49 9.90
CA ILE B 113 10.62 -0.24 10.59
C ILE B 113 11.06 -1.49 11.29
N LYS B 114 12.35 -1.81 11.15
CA LYS B 114 12.92 -3.00 11.78
C LYS B 114 14.21 -2.60 12.46
N ALA B 115 14.38 -3.11 13.68
CA ALA B 115 15.61 -2.93 14.45
C ALA B 115 16.35 -4.25 14.55
N VAL B 116 17.63 -4.20 14.31
CA VAL B 116 18.48 -5.39 14.38
C VAL B 116 19.68 -5.13 15.26
N VAL B 117 20.27 -6.21 15.78
CA VAL B 117 21.30 -6.10 16.81
C VAL B 117 22.35 -7.17 16.63
N LYS B 118 23.59 -6.80 16.88
CA LYS B 118 24.69 -7.76 17.00
C LYS B 118 25.24 -7.67 18.40
N GLY B 119 25.36 -8.81 19.05
CA GLY B 119 25.93 -8.88 20.40
C GLY B 119 25.61 -10.16 21.10
N GLU B 120 26.60 -10.68 21.82
CA GLU B 120 26.42 -11.80 22.71
C GLU B 120 25.96 -11.30 24.08
N GLY B 121 25.46 -12.21 24.91
CA GLY B 121 25.02 -11.85 26.24
C GLY B 121 23.59 -11.35 26.30
N THR B 122 23.31 -10.54 27.29
CA THR B 122 21.98 -9.94 27.40
C THR B 122 21.62 -9.20 26.13
N THR B 123 20.35 -9.28 25.78
CA THR B 123 19.89 -8.63 24.59
C THR B 123 18.65 -7.78 24.92
N LEU B 124 18.08 -7.16 23.90
CA LEU B 124 16.98 -6.24 24.07
C LEU B 124 15.71 -6.77 23.42
N ASN B 125 14.56 -6.42 24.01
CA ASN B 125 13.26 -6.84 23.50
C ASN B 125 12.52 -5.76 22.74
N GLN B 126 12.84 -4.50 22.99
CA GLN B 126 12.15 -3.40 22.34
C GLN B 126 13.09 -2.20 22.35
N VAL B 127 13.07 -1.41 21.28
CA VAL B 127 14.08 -0.38 21.12
C VAL B 127 14.15 0.65 22.23
N LEU B 128 13.04 0.98 22.88
CA LEU B 128 13.10 2.03 23.90
C LEU B 128 13.92 1.60 25.11
N GLU B 129 14.17 0.29 25.25
CA GLU B 129 15.04 -0.21 26.32
C GLU B 129 16.46 0.33 26.18
N LEU B 130 16.84 0.74 24.98
CA LEU B 130 18.16 1.29 24.77
C LEU B 130 18.43 2.51 25.66
N LEU B 131 17.40 3.25 25.99
CA LEU B 131 17.56 4.48 26.77
C LEU B 131 17.95 4.22 28.22
N ASP B 132 17.73 3.02 28.73
CA ASP B 132 17.97 2.74 30.15
C ASP B 132 19.18 1.81 30.37
N GLN B 133 20.13 1.85 29.45
CA GLN B 133 21.30 0.97 29.52
C GLN B 133 22.48 1.59 28.76
N ASP B 134 23.66 1.00 28.90
CA ASP B 134 24.81 1.47 28.13
C ASP B 134 25.68 0.34 27.57
N LYS B 135 25.15 -0.88 27.54
CA LYS B 135 25.86 -1.96 26.86
C LYS B 135 25.89 -1.76 25.35
N TYR B 136 24.72 -1.45 24.76
CA TYR B 136 24.56 -1.28 23.33
C TYR B 136 24.55 0.18 22.97
N LYS B 137 25.26 0.49 21.89
CA LYS B 137 25.05 1.76 21.18
C LYS B 137 24.02 1.51 20.09
N TRP B 138 23.55 2.58 19.45
CA TRP B 138 22.51 2.45 18.44
C TRP B 138 22.50 3.64 17.53
N GLY B 139 21.78 3.51 16.42
CA GLY B 139 21.69 4.64 15.50
C GLY B 139 20.69 4.44 14.40
N VAL B 140 20.35 5.58 13.79
CA VAL B 140 19.62 5.66 12.53
C VAL B 140 20.43 6.51 11.56
N ILE B 141 20.16 6.36 10.27
CA ILE B 141 20.83 7.16 9.26
C ILE B 141 20.17 8.52 9.13
N GLY B 142 20.96 9.57 9.08
CA GLY B 142 20.41 10.89 8.95
C GLY B 142 19.71 11.13 7.63
N SER B 143 18.61 11.86 7.68
CA SER B 143 17.85 12.27 6.48
C SER B 143 17.27 11.12 5.70
N ARG B 144 16.92 10.08 6.40
CA ARG B 144 16.28 8.93 5.84
C ARG B 144 14.97 8.74 6.61
N HIS B 145 14.06 7.94 6.06
CA HIS B 145 12.72 7.83 6.62
C HIS B 145 12.64 7.37 8.09
N PRO B 146 13.38 6.35 8.51
CA PRO B 146 13.23 5.91 9.92
C PRO B 146 13.51 7.06 10.89
N GLU B 147 14.55 7.85 10.66
CA GLU B 147 14.84 8.98 11.52
C GLU B 147 13.64 9.91 11.60
N THR B 148 13.02 10.19 10.45
CA THR B 148 11.85 11.07 10.42
C THR B 148 10.68 10.47 11.21
N LEU B 149 10.41 9.18 11.02
CA LEU B 149 9.29 8.57 11.74
C LEU B 149 9.53 8.61 13.23
N LEU B 150 10.74 8.30 13.68
CA LEU B 150 11.00 8.30 15.12
C LEU B 150 10.92 9.72 15.68
N LYS B 151 11.38 10.71 14.94
CA LYS B 151 11.37 12.09 15.42
C LYS B 151 9.99 12.68 15.44
N THR B 152 9.06 12.17 14.64
CA THR B 152 7.71 12.72 14.62
C THR B 152 6.72 11.85 15.43
N HIS B 153 7.18 10.72 15.96
CA HIS B 153 6.35 9.83 16.77
C HIS B 153 5.81 10.62 17.96
N ARG B 154 4.56 10.39 18.32
CA ARG B 154 3.98 11.19 19.38
C ARG B 154 4.56 10.84 20.77
N ASP B 155 5.19 9.68 20.91
CA ASP B 155 5.98 9.36 22.09
C ASP B 155 7.41 9.89 21.93
N SER B 156 7.73 10.99 22.61
CA SER B 156 8.99 11.66 22.41
C SER B 156 10.19 10.89 22.88
N ARG B 157 10.00 9.76 23.55
CA ARG B 157 11.13 8.88 23.82
C ARG B 157 11.78 8.41 22.51
N TYR B 158 11.01 8.36 21.41
CA TYR B 158 11.59 7.96 20.13
C TYR B 158 12.46 9.08 19.57
N SER B 159 12.11 10.34 19.83
CA SER B 159 13.01 11.44 19.54
C SER B 159 14.31 11.35 20.35
N ARG B 160 14.21 10.93 21.63
CA ARG B 160 15.42 10.72 22.43
C ARG B 160 16.33 9.70 21.77
N LEU B 161 15.75 8.61 21.29
CA LEU B 161 16.54 7.57 20.62
C LEU B 161 17.34 8.15 19.49
N VAL B 162 16.70 8.98 18.68
CA VAL B 162 17.39 9.56 17.56
C VAL B 162 18.47 10.53 18.05
N ASP B 163 18.09 11.42 18.95
CA ASP B 163 18.99 12.49 19.41
C ASP B 163 20.22 11.94 20.14
N GLU B 164 20.08 10.79 20.82
CA GLU B 164 21.14 10.23 21.65
C GLU B 164 21.87 9.07 20.98
N GLY B 165 21.48 8.75 19.76
CA GLY B 165 22.14 7.72 18.99
C GLY B 165 23.32 8.24 18.22
N VAL B 166 24.05 7.30 17.63
CA VAL B 166 25.27 7.60 16.90
C VAL B 166 24.88 8.09 15.53
N GLU B 167 25.63 9.04 15.00
CA GLU B 167 25.24 9.54 13.69
C GLU B 167 25.75 8.59 12.61
N LEU B 168 24.84 8.19 11.72
CA LEU B 168 25.17 7.29 10.62
C LEU B 168 24.95 7.99 9.29
N LYS B 169 25.95 7.93 8.42
CA LYS B 169 25.99 8.69 7.18
C LYS B 169 25.11 8.11 6.08
N ASP B 170 25.11 6.79 5.96
CA ASP B 170 24.48 6.08 4.85
C ASP B 170 24.43 4.61 5.20
N LEU B 171 23.86 3.81 4.29
CA LEU B 171 23.58 2.43 4.60
C LEU B 171 24.87 1.65 4.79
N ASN B 172 25.89 1.94 3.98
CA ASN B 172 27.17 1.24 4.14
C ASN B 172 27.77 1.50 5.51
N HIS B 173 27.73 2.75 5.96
CA HIS B 173 28.29 3.11 7.25
C HIS B 173 27.53 2.44 8.39
N ALA B 174 26.20 2.41 8.26
CA ALA B 174 25.35 1.79 9.27
C ALA B 174 25.63 0.30 9.38
N ILE B 175 25.74 -0.37 8.24
CA ILE B 175 25.97 -1.81 8.25
C ILE B 175 27.38 -2.12 8.81
N GLU B 176 28.38 -1.30 8.48
N GLU B 176 28.35 -1.28 8.45
CA GLU B 176 29.70 -1.57 9.03
CA GLU B 176 29.70 -1.39 8.99
C GLU B 176 29.73 -1.31 10.55
C GLU B 176 29.67 -1.33 10.51
N THR B 177 28.98 -0.33 11.03
CA THR B 177 28.90 -0.10 12.47
C THR B 177 28.18 -1.25 13.17
N LEU B 178 27.07 -1.69 12.58
CA LEU B 178 26.37 -2.89 13.09
C LEU B 178 27.30 -4.10 13.18
N ARG B 179 28.04 -4.37 12.10
CA ARG B 179 28.94 -5.52 12.08
C ARG B 179 30.07 -5.41 13.08
N GLY B 180 30.37 -4.19 13.51
CA GLY B 180 31.35 -3.96 14.55
C GLY B 180 30.93 -4.44 15.93
N GLY B 181 29.63 -4.67 16.12
CA GLY B 181 29.13 -5.29 17.33
C GLY B 181 28.59 -4.34 18.39
N LEU B 182 27.83 -4.92 19.30
CA LEU B 182 27.21 -4.20 20.43
C LEU B 182 26.49 -2.96 19.92
N PHE B 183 25.68 -3.17 18.90
CA PHE B 183 25.06 -2.05 18.21
C PHE B 183 23.66 -2.46 17.74
N VAL B 184 22.71 -1.54 17.88
CA VAL B 184 21.37 -1.68 17.33
C VAL B 184 21.18 -0.67 16.19
N PHE B 185 20.89 -1.20 15.00
CA PHE B 185 20.60 -0.38 13.84
C PHE B 185 19.12 -0.45 13.54
N ILE B 186 18.51 0.71 13.46
CA ILE B 186 17.07 0.83 13.24
C ILE B 186 16.84 1.37 11.83
N ASP B 187 16.23 0.55 10.97
CA ASP B 187 16.01 0.95 9.57
C ASP B 187 14.74 0.29 9.05
N GLU B 188 14.77 -0.17 7.81
CA GLU B 188 13.57 -0.67 7.12
C GLU B 188 13.67 -2.14 6.81
N GLY B 189 12.59 -2.86 7.06
CA GLY B 189 12.53 -4.30 6.87
C GLY B 189 13.11 -4.83 5.56
N PRO B 190 12.62 -4.35 4.42
CA PRO B 190 13.06 -4.97 3.17
C PRO B 190 14.54 -4.73 2.87
N VAL B 191 15.02 -3.54 3.22
CA VAL B 191 16.41 -3.19 3.05
C VAL B 191 17.31 -4.06 3.92
N LEU B 192 16.92 -4.24 5.17
CA LEU B 192 17.70 -5.08 6.06
C LEU B 192 17.63 -6.54 5.66
N ALA B 193 16.47 -7.01 5.23
CA ALA B 193 16.30 -8.42 4.88
C ALA B 193 17.26 -8.79 3.76
N HIS B 194 17.35 -7.91 2.76
CA HIS B 194 18.21 -8.18 1.63
C HIS B 194 19.70 -8.06 2.00
N ASN B 195 20.04 -6.96 2.67
CA ASN B 195 21.45 -6.64 2.86
C ASN B 195 22.12 -7.39 4.00
N LEU B 196 21.34 -8.00 4.90
CA LEU B 196 21.90 -8.73 6.05
C LEU B 196 21.65 -10.24 5.99
N ILE B 197 21.35 -10.72 4.80
CA ILE B 197 20.95 -12.11 4.62
C ILE B 197 22.00 -13.11 5.11
N SER B 198 23.27 -12.73 5.00
N SER B 198 23.27 -12.72 4.99
CA SER B 198 24.37 -13.62 5.38
CA SER B 198 24.38 -13.61 5.35
C SER B 198 25.05 -13.21 6.66
C SER B 198 24.91 -13.37 6.76
N ASP B 199 24.39 -12.34 7.44
CA ASP B 199 24.88 -11.98 8.77
C ASP B 199 24.21 -12.83 9.85
N CYS B 200 24.79 -13.99 10.11
CA CYS B 200 24.15 -14.99 10.96
C CYS B 200 24.20 -14.59 12.43
N ASP B 201 25.03 -13.61 12.75
CA ASP B 201 25.15 -13.11 14.11
C ASP B 201 24.38 -11.81 14.34
N VAL B 202 23.44 -11.51 13.46
CA VAL B 202 22.58 -10.33 13.59
C VAL B 202 21.15 -10.82 13.82
N PHE B 203 20.52 -10.30 14.87
CA PHE B 203 19.21 -10.75 15.30
C PHE B 203 18.23 -9.58 15.39
N SER B 204 16.94 -9.89 15.50
CA SER B 204 15.92 -8.86 15.63
C SER B 204 15.82 -8.28 17.04
N VAL B 205 15.43 -7.00 17.11
CA VAL B 205 15.00 -6.39 18.37
C VAL B 205 13.50 -6.14 18.26
N GLY B 206 12.73 -6.99 18.91
CA GLY B 206 11.29 -6.91 18.86
C GLY B 206 10.72 -7.18 17.47
N GLU B 207 9.47 -6.80 17.27
CA GLU B 207 8.81 -6.95 15.99
C GLU B 207 8.93 -5.67 15.16
N GLU B 208 8.62 -5.77 13.88
CA GLU B 208 8.55 -4.56 13.06
C GLU B 208 7.45 -3.67 13.60
N PHE B 209 7.61 -2.36 13.44
CA PHE B 209 6.59 -1.40 13.90
C PHE B 209 6.49 -0.26 12.91
N GLN B 210 5.37 0.45 12.98
CA GLN B 210 5.01 1.45 11.96
C GLN B 210 4.83 0.77 10.61
N SER B 211 3.65 0.91 10.04
CA SER B 211 3.45 0.39 8.69
C SER B 211 3.47 1.56 7.72
N PHE B 212 4.18 1.41 6.60
CA PHE B 212 4.18 2.43 5.56
C PHE B 212 4.39 1.72 4.21
N GLU B 213 4.55 2.52 3.17
CA GLU B 213 4.70 2.02 1.82
C GLU B 213 5.95 2.55 1.17
N TYR B 214 6.45 1.83 0.18
CA TYR B 214 7.36 2.35 -0.81
C TYR B 214 6.57 2.77 -2.04
N ALA B 215 6.87 3.96 -2.53
CA ALA B 215 6.24 4.50 -3.72
C ALA B 215 7.28 5.33 -4.46
N PHE B 216 6.91 5.91 -5.59
CA PHE B 216 7.76 6.90 -6.24
C PHE B 216 7.30 8.29 -5.78
N GLY B 217 8.20 9.25 -5.79
CA GLY B 217 7.88 10.61 -5.42
C GLY B 217 7.57 11.47 -6.63
N LEU B 218 6.55 12.32 -6.54
CA LEU B 218 6.15 13.18 -7.65
C LEU B 218 5.94 14.58 -7.11
N PRO B 219 6.27 15.60 -7.89
CA PRO B 219 5.97 16.96 -7.43
C PRO B 219 4.47 17.19 -7.44
N LYS B 220 4.01 18.04 -6.55
CA LYS B 220 2.61 18.43 -6.56
C LYS B 220 2.29 19.02 -7.92
N ASP B 221 1.09 18.72 -8.40
CA ASP B 221 0.59 19.21 -9.68
C ASP B 221 1.30 18.59 -10.90
N SER B 222 2.03 17.49 -10.70
CA SER B 222 2.66 16.81 -11.84
C SER B 222 1.60 16.38 -12.86
N PRO B 223 1.83 16.66 -14.15
CA PRO B 223 0.90 16.19 -15.18
C PRO B 223 1.04 14.70 -15.46
N TYR B 224 2.02 14.05 -14.85
CA TYR B 224 2.32 12.66 -15.13
C TYR B 224 1.83 11.69 -14.06
N LYS B 225 1.27 12.20 -12.96
CA LYS B 225 0.93 11.34 -11.84
C LYS B 225 -0.13 10.30 -12.21
N SER B 226 -1.18 10.71 -12.91
N SER B 226 -1.17 10.71 -12.91
CA SER B 226 -2.27 9.77 -13.21
CA SER B 226 -2.28 9.82 -13.23
C SER B 226 -1.74 8.58 -13.99
C SER B 226 -1.82 8.61 -14.06
N LEU B 227 -0.93 8.85 -15.02
CA LEU B 227 -0.38 7.76 -15.84
C LEU B 227 0.54 6.85 -15.06
N ILE B 228 1.44 7.44 -14.28
CA ILE B 228 2.36 6.65 -13.49
C ILE B 228 1.56 5.78 -12.52
N ASP B 229 0.58 6.38 -11.84
CA ASP B 229 -0.25 5.63 -10.89
C ASP B 229 -0.97 4.45 -11.54
N SER B 230 -1.59 4.68 -12.69
N SER B 230 -1.58 4.66 -12.69
CA SER B 230 -2.30 3.61 -13.38
CA SER B 230 -2.33 3.57 -13.32
C SER B 230 -1.37 2.47 -13.73
C SER B 230 -1.40 2.46 -13.81
N HIS B 231 -0.19 2.82 -14.22
CA HIS B 231 0.74 1.80 -14.71
C HIS B 231 1.35 1.03 -13.54
N LEU B 232 1.61 1.70 -12.43
CA LEU B 232 2.10 0.99 -11.25
C LEU B 232 1.04 0.06 -10.66
N LEU B 233 -0.21 0.48 -10.64
CA LEU B 233 -1.30 -0.39 -10.20
C LEU B 233 -1.37 -1.63 -11.08
N LYS B 234 -1.25 -1.45 -12.39
N LYS B 234 -1.24 -1.44 -12.39
CA LYS B 234 -1.27 -2.59 -13.30
CA LYS B 234 -1.24 -2.55 -13.32
C LYS B 234 -0.09 -3.52 -13.02
C LYS B 234 -0.08 -3.52 -13.05
N PHE B 235 1.10 -2.97 -12.77
CA PHE B 235 2.26 -3.80 -12.41
C PHE B 235 1.93 -4.67 -11.21
N ARG B 236 1.30 -4.08 -10.19
CA ARG B 236 1.00 -4.84 -8.98
C ARG B 236 -0.03 -5.93 -9.28
N GLU B 237 -1.10 -5.56 -9.97
CA GLU B 237 -2.21 -6.46 -10.24
C GLU B 237 -1.77 -7.64 -11.12
N GLU B 238 -0.83 -7.37 -12.03
CA GLU B 238 -0.34 -8.39 -12.95
C GLU B 238 0.72 -9.29 -12.35
N GLY B 239 1.17 -8.96 -11.14
CA GLY B 239 2.19 -9.76 -10.46
C GLY B 239 3.61 -9.40 -10.80
N PHE B 240 3.79 -8.31 -11.55
CA PHE B 240 5.14 -7.90 -11.97
C PHE B 240 6.02 -7.49 -10.80
N ILE B 241 5.46 -6.77 -9.85
CA ILE B 241 6.26 -6.35 -8.71
C ILE B 241 6.75 -7.57 -7.93
N ASP B 242 5.89 -8.56 -7.73
CA ASP B 242 6.31 -9.75 -7.00
C ASP B 242 7.42 -10.50 -7.76
N ILE B 243 7.32 -10.57 -9.08
CA ILE B 243 8.32 -11.25 -9.88
C ILE B 243 9.68 -10.52 -9.76
N LEU B 244 9.64 -9.20 -9.80
CA LEU B 244 10.86 -8.42 -9.64
C LEU B 244 11.49 -8.57 -8.25
N TRP B 245 10.67 -8.64 -7.19
CA TRP B 245 11.23 -8.84 -5.87
C TRP B 245 11.90 -10.21 -5.78
N GLU B 246 11.27 -11.23 -6.37
N GLU B 246 11.25 -11.23 -6.34
CA GLU B 246 11.85 -12.57 -6.39
CA GLU B 246 11.85 -12.56 -6.41
C GLU B 246 13.13 -12.62 -7.23
C GLU B 246 13.19 -12.52 -7.16
N LYS B 247 13.20 -11.81 -8.28
CA LYS B 247 14.40 -11.73 -9.12
C LYS B 247 15.56 -11.09 -8.37
N TRP B 248 15.29 -10.00 -7.68
CA TRP B 248 16.35 -9.16 -7.16
C TRP B 248 16.72 -9.37 -5.70
N SER B 249 15.78 -9.81 -4.87
CA SER B 249 16.06 -9.87 -3.45
C SER B 249 16.85 -11.15 -3.21
N SER B 250 17.69 -11.12 -2.16
N SER B 250 17.70 -11.13 -2.18
CA SER B 250 18.59 -12.23 -1.90
CA SER B 250 18.59 -12.24 -1.92
C SER B 250 17.80 -13.45 -1.43
C SER B 250 17.82 -13.46 -1.42
N GLY B 251 18.27 -14.63 -1.81
CA GLY B 251 17.62 -15.88 -1.46
C GLY B 251 18.58 -16.75 -0.67
N ASN B 252 18.07 -17.86 -0.17
CA ASN B 252 18.86 -18.74 0.70
C ASN B 252 19.39 -17.98 1.90
N SER B 253 20.29 -18.63 2.64
CA SER B 253 21.00 -18.01 3.75
C SER B 253 21.98 -19.04 4.24
N VAL B 254 23.25 -18.68 4.29
CA VAL B 254 24.28 -19.57 4.82
C VAL B 254 23.93 -19.92 6.27
N CYS B 255 23.14 -19.06 6.90
CA CYS B 255 22.75 -19.24 8.29
C CYS B 255 21.81 -20.44 8.45
#